data_5BPZ
#
_entry.id   5BPZ
#
_cell.length_a   40.972
_cell.length_b   57.297
_cell.length_c   63.616
_cell.angle_alpha   90.000
_cell.angle_beta   90.000
_cell.angle_gamma   90.000
#
_symmetry.space_group_name_H-M   'P 21 21 2'
#
loop_
_entity.id
_entity.type
_entity.pdbx_description
1 polymer 'Anapc5 protein'
2 non-polymer 1,2-ETHANEDIOL
3 water water
#
_entity_poly.entity_id   1
_entity_poly.type   'polypeptide(L)'
_entity_poly.pdbx_seq_one_letter_code
;MASVHESLYFNPMMTNGVVHANVFGIKDWVTPYKISVLVLLSEMSKNTKISLVEKRRLNKQILPLLQGPDMTLSKLIKIV
EECCPNVSSSVHIRIKLMAEGELKDMEQFFDDLADSFTGTEPEVHKTSVVGLFLRHMILAYNKLSFSQVYKLYTSLQQYF
QSDENLYFQ
;
_entity_poly.pdbx_strand_id   A
#
loop_
_chem_comp.id
_chem_comp.type
_chem_comp.name
_chem_comp.formula
EDO non-polymer 1,2-ETHANEDIOL 'C2 H6 O2'
#
# COMPACT_ATOMS: atom_id res chain seq x y z
N TRP A 29 -7.81 11.99 -4.59
CA TRP A 29 -8.21 10.59 -4.67
C TRP A 29 -7.23 9.65 -3.96
N VAL A 30 -5.92 10.00 -3.98
CA VAL A 30 -4.87 9.25 -3.30
C VAL A 30 -4.94 9.64 -1.82
N THR A 31 -5.19 8.66 -0.94
CA THR A 31 -5.30 8.89 0.50
C THR A 31 -4.32 7.98 1.27
N PRO A 32 -4.04 8.25 2.59
CA PRO A 32 -3.16 7.33 3.37
C PRO A 32 -3.63 5.87 3.39
N TYR A 33 -4.95 5.61 3.31
CA TYR A 33 -5.48 4.24 3.25
C TYR A 33 -5.03 3.57 1.93
N LYS A 34 -5.16 4.32 0.80
CA LYS A 34 -4.80 3.83 -0.54
C LYS A 34 -3.30 3.52 -0.61
N ILE A 35 -2.45 4.35 0.07
CA ILE A 35 -0.99 4.17 0.17
C ILE A 35 -0.71 2.87 0.91
N SER A 36 -1.45 2.63 2.00
CA SER A 36 -1.35 1.43 2.83
C SER A 36 -1.71 0.16 2.04
N VAL A 37 -2.66 0.29 1.10
CA VAL A 37 -3.07 -0.80 0.20
C VAL A 37 -1.92 -1.08 -0.80
N LEU A 38 -1.28 -0.02 -1.31
CA LEU A 38 -0.12 -0.13 -2.20
C LEU A 38 1.02 -0.84 -1.48
N VAL A 39 1.28 -0.47 -0.20
CA VAL A 39 2.29 -1.09 0.68
C VAL A 39 1.96 -2.58 0.82
N LEU A 40 0.66 -2.90 1.07
CA LEU A 40 0.19 -4.26 1.18
C LEU A 40 0.43 -5.05 -0.13
N LEU A 41 0.11 -4.44 -1.28
CA LEU A 41 0.32 -5.09 -2.57
C LEU A 41 1.80 -5.34 -2.81
N SER A 42 2.65 -4.37 -2.44
CA SER A 42 4.10 -4.49 -2.57
C SER A 42 4.65 -5.62 -1.68
N GLU A 43 4.25 -5.64 -0.38
CA GLU A 43 4.65 -6.66 0.59
C GLU A 43 4.17 -8.04 0.23
N MET A 44 3.00 -8.14 -0.41
CA MET A 44 2.45 -9.42 -0.84
C MET A 44 3.31 -10.03 -1.95
N SER A 45 3.75 -9.21 -2.94
CA SER A 45 4.56 -9.70 -4.05
C SER A 45 5.97 -10.12 -3.61
N LYS A 46 6.49 -9.52 -2.55
CA LYS A 46 7.83 -9.76 -2.02
C LYS A 46 7.91 -10.93 -1.03
N ASN A 47 6.77 -11.35 -0.45
CA ASN A 47 6.69 -12.42 0.56
C ASN A 47 7.49 -13.68 0.17
N THR A 48 8.57 -13.95 0.89
CA THR A 48 9.46 -15.09 0.63
C THR A 48 8.96 -16.40 1.29
N LYS A 49 7.88 -16.34 2.08
CA LYS A 49 7.39 -17.50 2.84
C LYS A 49 6.19 -18.20 2.21
N ILE A 50 5.68 -17.71 1.07
CA ILE A 50 4.58 -18.35 0.34
C ILE A 50 4.94 -18.47 -1.13
N SER A 51 4.38 -19.48 -1.80
CA SER A 51 4.63 -19.75 -3.21
C SER A 51 3.93 -18.71 -4.10
N LEU A 52 4.33 -18.65 -5.38
CA LEU A 52 3.72 -17.76 -6.37
C LEU A 52 2.21 -18.11 -6.56
N VAL A 53 1.87 -19.41 -6.53
CA VAL A 53 0.49 -19.88 -6.62
C VAL A 53 -0.36 -19.30 -5.45
N GLU A 54 0.15 -19.41 -4.21
CA GLU A 54 -0.50 -18.90 -2.99
C GLU A 54 -0.64 -17.38 -3.06
N LYS A 55 0.34 -16.69 -3.66
CA LYS A 55 0.33 -15.24 -3.86
C LYS A 55 -0.79 -14.83 -4.79
N ARG A 56 -1.02 -15.62 -5.87
CA ARG A 56 -2.07 -15.38 -6.85
C ARG A 56 -3.46 -15.55 -6.21
N ARG A 57 -3.60 -16.54 -5.29
CA ARG A 57 -4.83 -16.80 -4.55
C ARG A 57 -5.10 -15.63 -3.60
N LEU A 58 -4.06 -15.18 -2.86
CA LEU A 58 -4.16 -14.08 -1.92
C LEU A 58 -4.51 -12.74 -2.59
N ASN A 59 -4.02 -12.49 -3.82
CA ASN A 59 -4.34 -11.29 -4.59
C ASN A 59 -5.82 -11.23 -4.95
N LYS A 60 -6.49 -12.41 -5.08
CA LYS A 60 -7.93 -12.50 -5.37
C LYS A 60 -8.71 -12.15 -4.08
N GLN A 61 -8.26 -12.67 -2.93
CA GLN A 61 -8.88 -12.46 -1.63
C GLN A 61 -8.82 -10.99 -1.18
N ILE A 62 -7.79 -10.25 -1.63
CA ILE A 62 -7.51 -8.86 -1.28
C ILE A 62 -8.31 -7.83 -2.11
N LEU A 63 -8.85 -8.23 -3.29
CA LEU A 63 -9.59 -7.34 -4.21
C LEU A 63 -10.63 -6.39 -3.55
N PRO A 64 -11.49 -6.78 -2.56
CA PRO A 64 -12.41 -5.79 -1.95
C PRO A 64 -11.76 -4.57 -1.28
N LEU A 65 -10.48 -4.67 -0.88
CA LEU A 65 -9.73 -3.59 -0.26
C LEU A 65 -9.38 -2.48 -1.28
N LEU A 66 -9.22 -2.86 -2.55
CA LEU A 66 -8.88 -1.99 -3.66
C LEU A 66 -10.13 -1.26 -4.17
N GLN A 67 -11.29 -1.92 -4.03
CA GLN A 67 -12.59 -1.45 -4.50
C GLN A 67 -13.45 -0.75 -3.43
N GLY A 68 -13.23 -1.09 -2.16
CA GLY A 68 -14.01 -0.58 -1.04
C GLY A 68 -13.69 0.83 -0.57
N PRO A 69 -14.41 1.31 0.48
CA PRO A 69 -14.13 2.66 1.00
C PRO A 69 -12.93 2.67 1.93
N ASP A 70 -12.43 3.88 2.27
CA ASP A 70 -11.28 4.04 3.17
C ASP A 70 -11.63 3.57 4.57
N MET A 71 -10.64 3.00 5.25
CA MET A 71 -10.80 2.54 6.64
C MET A 71 -9.54 2.95 7.40
N THR A 72 -9.57 2.88 8.74
CA THR A 72 -8.42 3.21 9.57
C THR A 72 -7.28 2.19 9.35
N LEU A 73 -6.04 2.56 9.68
CA LEU A 73 -4.91 1.64 9.59
C LEU A 73 -5.14 0.39 10.50
N SER A 74 -5.71 0.60 11.69
CA SER A 74 -6.01 -0.43 12.69
C SER A 74 -6.90 -1.53 12.10
N LYS A 75 -7.97 -1.14 11.36
CA LYS A 75 -8.87 -2.08 10.72
C LYS A 75 -8.19 -2.82 9.57
N LEU A 76 -7.43 -2.10 8.75
CA LEU A 76 -6.70 -2.69 7.62
C LEU A 76 -5.72 -3.75 8.10
N ILE A 77 -4.93 -3.46 9.16
CA ILE A 77 -3.96 -4.42 9.72
C ILE A 77 -4.67 -5.65 10.27
N LYS A 78 -5.86 -5.47 10.91
CA LYS A 78 -6.64 -6.58 11.46
C LYS A 78 -7.09 -7.52 10.33
N ILE A 79 -7.54 -6.95 9.20
CA ILE A 79 -7.93 -7.72 8.01
C ILE A 79 -6.74 -8.50 7.44
N VAL A 80 -5.59 -7.82 7.26
CA VAL A 80 -4.35 -8.42 6.71
C VAL A 80 -3.84 -9.56 7.62
N GLU A 81 -3.96 -9.40 8.96
CA GLU A 81 -3.56 -10.41 9.96
C GLU A 81 -4.33 -11.73 9.77
N GLU A 82 -5.60 -11.64 9.35
CA GLU A 82 -6.46 -12.80 9.14
C GLU A 82 -6.06 -13.67 7.95
N CYS A 83 -5.70 -13.07 6.80
CA CYS A 83 -5.38 -13.84 5.60
C CYS A 83 -3.88 -13.95 5.29
N CYS A 84 -3.09 -12.91 5.60
CA CYS A 84 -1.63 -12.88 5.38
C CYS A 84 -0.96 -12.56 6.73
N PRO A 85 -0.89 -13.50 7.70
CA PRO A 85 -0.31 -13.17 9.02
C PRO A 85 1.13 -12.65 9.01
N ASN A 86 1.95 -13.10 8.03
CA ASN A 86 3.34 -12.69 7.84
C ASN A 86 3.45 -11.19 7.51
N VAL A 87 2.86 -10.79 6.37
CA VAL A 87 2.95 -9.43 5.80
C VAL A 87 2.24 -8.35 6.64
N SER A 88 1.26 -8.69 7.50
CA SER A 88 0.55 -7.68 8.32
C SER A 88 1.51 -6.75 9.08
N SER A 89 2.53 -7.33 9.75
CA SER A 89 3.53 -6.60 10.51
C SER A 89 4.43 -5.80 9.58
N SER A 90 4.84 -6.41 8.46
CA SER A 90 5.71 -5.78 7.47
C SER A 90 5.05 -4.56 6.86
N VAL A 91 3.74 -4.64 6.63
CA VAL A 91 2.91 -3.54 6.10
C VAL A 91 2.89 -2.43 7.14
N HIS A 92 2.56 -2.78 8.40
CA HIS A 92 2.48 -1.87 9.54
C HIS A 92 3.77 -1.08 9.78
N ILE A 93 4.93 -1.78 9.81
CA ILE A 93 6.25 -1.19 10.04
C ILE A 93 6.70 -0.34 8.84
N ARG A 94 6.31 -0.71 7.61
CA ARG A 94 6.68 0.06 6.42
C ARG A 94 6.02 1.45 6.45
N ILE A 95 4.74 1.51 6.84
CA ILE A 95 3.99 2.76 6.98
C ILE A 95 4.59 3.56 8.13
N LYS A 96 4.86 2.88 9.27
CA LYS A 96 5.51 3.44 10.46
C LYS A 96 6.81 4.18 10.09
N LEU A 97 7.70 3.54 9.28
CA LEU A 97 8.98 4.11 8.86
C LEU A 97 8.80 5.27 7.90
N MET A 98 7.78 5.20 7.03
CA MET A 98 7.45 6.27 6.09
C MET A 98 6.96 7.51 6.86
N ALA A 99 6.07 7.28 7.85
CA ALA A 99 5.48 8.31 8.72
C ALA A 99 6.52 8.91 9.68
N GLU A 100 7.44 8.07 10.20
CA GLU A 100 8.51 8.51 11.11
C GLU A 100 9.76 9.00 10.36
N GLY A 101 9.69 9.03 9.03
CA GLY A 101 10.76 9.50 8.17
C GLY A 101 10.56 10.94 7.76
N GLU A 102 10.64 11.20 6.44
CA GLU A 102 10.47 12.53 5.83
C GLU A 102 9.61 12.40 4.56
N LEU A 103 9.21 13.54 3.95
CA LEU A 103 8.41 13.55 2.72
C LEU A 103 9.04 12.70 1.62
N LYS A 104 10.39 12.77 1.47
CA LYS A 104 11.18 11.99 0.50
C LYS A 104 10.92 10.48 0.57
N ASP A 105 10.64 9.96 1.79
CA ASP A 105 10.39 8.54 2.02
C ASP A 105 9.09 8.06 1.38
N MET A 106 8.07 8.96 1.30
CA MET A 106 6.79 8.66 0.65
C MET A 106 7.01 8.71 -0.87
N GLU A 107 7.75 9.72 -1.38
CA GLU A 107 8.10 9.91 -2.79
C GLU A 107 8.93 8.73 -3.32
N GLN A 108 9.88 8.23 -2.50
CA GLN A 108 10.74 7.10 -2.82
C GLN A 108 9.93 5.80 -2.88
N PHE A 109 8.87 5.67 -2.05
CA PHE A 109 7.99 4.50 -2.08
C PHE A 109 7.26 4.43 -3.43
N PHE A 110 6.75 5.60 -3.89
CA PHE A 110 6.04 5.72 -5.16
C PHE A 110 6.93 5.42 -6.37
N ASP A 111 8.21 5.89 -6.32
CA ASP A 111 9.21 5.66 -7.38
C ASP A 111 9.53 4.16 -7.49
N ASP A 112 9.87 3.52 -6.35
CA ASP A 112 10.19 2.10 -6.25
C ASP A 112 9.02 1.20 -6.64
N LEU A 113 7.79 1.59 -6.27
CA LEU A 113 6.56 0.85 -6.59
C LEU A 113 6.28 0.88 -8.10
N ALA A 114 6.54 2.02 -8.76
CA ALA A 114 6.34 2.21 -10.19
C ALA A 114 7.31 1.36 -11.03
N ASP A 115 8.54 1.15 -10.52
CA ASP A 115 9.58 0.33 -11.16
C ASP A 115 9.48 -1.16 -10.76
N SER A 116 8.54 -1.50 -9.85
CA SER A 116 8.34 -2.88 -9.35
C SER A 116 7.34 -3.74 -10.13
N PHE A 117 6.59 -3.16 -11.08
CA PHE A 117 5.62 -3.96 -11.85
C PHE A 117 5.78 -3.77 -13.34
N THR A 118 5.42 -4.82 -14.12
CA THR A 118 5.50 -4.96 -15.59
C THR A 118 6.97 -4.88 -16.09
N GLY A 119 7.94 -5.01 -15.16
CA GLY A 119 9.37 -4.97 -15.43
C GLY A 119 10.23 -5.65 -14.39
N THR A 120 9.67 -6.62 -13.63
CA THR A 120 10.39 -7.38 -12.60
C THR A 120 10.14 -8.88 -12.74
N GLU A 121 8.86 -9.29 -12.89
CA GLU A 121 8.46 -10.70 -13.04
C GLU A 121 8.91 -11.29 -14.40
N PRO A 122 8.63 -10.72 -15.61
CA PRO A 122 7.91 -9.48 -15.95
C PRO A 122 6.47 -9.73 -16.45
N GLU A 123 5.51 -9.79 -15.51
CA GLU A 123 4.10 -10.03 -15.82
C GLU A 123 3.32 -8.74 -16.06
N VAL A 124 2.46 -8.74 -17.10
CA VAL A 124 1.64 -7.60 -17.48
C VAL A 124 0.42 -7.49 -16.56
N HIS A 125 0.37 -6.42 -15.75
CA HIS A 125 -0.71 -6.14 -14.81
C HIS A 125 -1.53 -4.95 -15.31
N LYS A 126 -2.17 -5.08 -16.46
CA LYS A 126 -2.75 -3.91 -17.12
C LYS A 126 -4.28 -3.89 -17.06
N THR A 127 -4.92 -5.00 -17.50
CA THR A 127 -6.39 -5.16 -17.49
C THR A 127 -6.88 -5.56 -16.09
N SER A 128 -5.95 -6.06 -15.23
CA SER A 128 -6.17 -6.52 -13.85
C SER A 128 -6.72 -5.44 -12.94
N VAL A 129 -7.42 -5.85 -11.87
CA VAL A 129 -7.96 -4.93 -10.86
C VAL A 129 -6.76 -4.30 -10.12
N VAL A 130 -5.72 -5.12 -9.82
CA VAL A 130 -4.47 -4.69 -9.17
C VAL A 130 -3.71 -3.76 -10.12
N GLY A 131 -3.58 -4.18 -11.38
CA GLY A 131 -2.92 -3.43 -12.44
C GLY A 131 -3.53 -2.06 -12.67
N LEU A 132 -4.87 -1.99 -12.75
CA LEU A 132 -5.61 -0.74 -12.91
C LEU A 132 -5.49 0.13 -11.67
N PHE A 133 -5.46 -0.50 -10.48
CA PHE A 133 -5.30 0.20 -9.20
C PHE A 133 -3.90 0.83 -9.09
N LEU A 134 -2.85 0.07 -9.47
CA LEU A 134 -1.47 0.55 -9.45
C LEU A 134 -1.31 1.72 -10.40
N ARG A 135 -1.86 1.58 -11.63
CA ARG A 135 -1.88 2.58 -12.68
C ARG A 135 -2.59 3.86 -12.22
N HIS A 136 -3.86 3.75 -11.78
CA HIS A 136 -4.65 4.90 -11.32
C HIS A 136 -4.09 5.57 -10.08
N MET A 137 -3.37 4.84 -9.19
CA MET A 137 -2.74 5.46 -8.02
C MET A 137 -1.49 6.25 -8.42
N ILE A 138 -0.60 5.65 -9.26
CA ILE A 138 0.64 6.29 -9.73
C ILE A 138 0.31 7.49 -10.62
N LEU A 139 -0.74 7.40 -11.46
CA LEU A 139 -1.16 8.51 -12.32
C LEU A 139 -1.70 9.67 -11.50
N ALA A 140 -2.68 9.40 -10.58
CA ALA A 140 -3.28 10.41 -9.72
C ALA A 140 -2.22 11.04 -8.80
N TYR A 141 -1.20 10.25 -8.39
CA TYR A 141 -0.08 10.73 -7.59
C TYR A 141 0.76 11.74 -8.38
N ASN A 142 1.16 11.39 -9.62
CA ASN A 142 1.98 12.22 -10.51
C ASN A 142 1.30 13.53 -10.93
N LYS A 143 -0.04 13.53 -11.08
CA LYS A 143 -0.81 14.73 -11.42
C LYS A 143 -1.08 15.46 -10.09
N LEU A 144 0.02 15.67 -9.35
CA LEU A 144 0.05 16.19 -8.00
C LEU A 144 -0.38 17.65 -7.85
N SER A 145 0.55 18.47 -7.39
CA SER A 145 0.57 19.86 -6.97
C SER A 145 1.37 19.63 -5.71
N PHE A 146 2.56 20.26 -5.62
CA PHE A 146 3.46 20.08 -4.46
C PHE A 146 2.74 20.26 -3.13
N SER A 147 1.75 21.19 -3.08
CA SER A 147 0.88 21.47 -1.93
C SER A 147 0.11 20.21 -1.56
N GLN A 148 -0.55 19.58 -2.56
CA GLN A 148 -1.35 18.37 -2.42
C GLN A 148 -0.51 17.16 -1.96
N VAL A 149 0.75 17.06 -2.45
CA VAL A 149 1.69 15.99 -2.08
C VAL A 149 2.14 16.16 -0.62
N TYR A 150 2.45 17.41 -0.22
CA TYR A 150 2.86 17.74 1.15
C TYR A 150 1.71 17.44 2.12
N LYS A 151 0.47 17.84 1.76
CA LYS A 151 -0.74 17.58 2.57
C LYS A 151 -1.07 16.08 2.60
N LEU A 152 -0.60 15.32 1.59
CA LEU A 152 -0.79 13.87 1.56
C LEU A 152 0.15 13.20 2.57
N TYR A 153 1.41 13.64 2.63
CA TYR A 153 2.39 13.11 3.57
C TYR A 153 2.02 13.42 5.03
N THR A 154 1.49 14.63 5.30
CA THR A 154 1.07 14.99 6.68
C THR A 154 -0.13 14.13 7.08
N SER A 155 -1.09 13.94 6.14
CA SER A 155 -2.28 13.08 6.32
C SER A 155 -1.85 11.65 6.65
N LEU A 156 -0.76 11.18 6.02
CA LEU A 156 -0.20 9.85 6.23
C LEU A 156 0.38 9.72 7.62
N GLN A 157 1.12 10.74 8.08
CA GLN A 157 1.69 10.78 9.42
C GLN A 157 0.58 10.73 10.47
N GLN A 158 -0.52 11.50 10.28
CA GLN A 158 -1.70 11.53 11.18
C GLN A 158 -2.43 10.18 11.16
N TYR A 159 -2.51 9.55 9.98
CA TYR A 159 -3.14 8.24 9.76
C TYR A 159 -2.41 7.20 10.60
N PHE A 160 -1.06 7.19 10.54
CA PHE A 160 -0.24 6.27 11.32
C PHE A 160 -0.34 6.58 12.81
N GLN A 161 -0.24 7.87 13.18
CA GLN A 161 -0.32 8.33 14.56
C GLN A 161 -1.61 7.93 15.26
N SER A 162 -2.73 7.95 14.52
CA SER A 162 -4.05 7.54 15.02
C SER A 162 -4.05 6.09 15.50
N ASP A 163 -3.28 5.21 14.82
CA ASP A 163 -3.15 3.79 15.16
C ASP A 163 -2.22 3.61 16.36
N GLU A 164 -1.12 4.34 16.37
CA GLU A 164 -0.10 4.35 17.41
C GLU A 164 -0.68 4.83 18.75
N ASN A 165 -1.65 5.78 18.70
CA ASN A 165 -2.30 6.35 19.88
C ASN A 165 -3.27 5.40 20.58
N LEU A 166 -3.80 4.40 19.85
CA LEU A 166 -4.77 3.46 20.41
C LEU A 166 -4.23 2.71 21.63
N TYR A 167 -5.06 2.59 22.68
CA TYR A 167 -4.70 1.86 23.89
C TYR A 167 -4.45 0.39 23.56
N PHE A 168 -5.27 -0.21 22.68
CA PHE A 168 -5.13 -1.61 22.24
C PHE A 168 -4.29 -1.72 20.95
C1 EDO B . -5.88 5.00 12.08
O1 EDO B . -5.32 5.08 10.80
C2 EDO B . -5.73 3.63 12.72
O2 EDO B . -6.42 3.58 13.93
C1 EDO C . -3.07 14.13 -5.40
O1 EDO C . -3.59 15.32 -5.99
C2 EDO C . -1.55 14.05 -5.66
O2 EDO C . -0.92 15.23 -5.23
H11 EDO C . -3.30 14.06 -4.35
H12 EDO C . -3.59 13.33 -5.90
HO1 EDO C . -4.54 15.40 -5.70
H21 EDO C . -1.10 13.26 -5.06
H22 EDO C . -1.33 13.81 -6.70
HO2 EDO C . -0.68 15.11 -4.27
#